data_2FTD
#
_entry.id   2FTD
#
_cell.length_a   74.874
_cell.length_b   74.874
_cell.length_c   339.555
_cell.angle_alpha   90.00
_cell.angle_beta   90.00
_cell.angle_gamma   120.00
#
_symmetry.space_group_name_H-M   'P 61 2 2'
#
loop_
_entity.id
_entity.type
_entity.pdbx_description
1 polymer 'Cathepsin K'
2 non-polymer N-[(1S)-1-({[(3S,4S,7R)-3-HYDROXY-7-METHYL-1-(PYRIDIN-2-YLSULFONYL)-2,3,4,7-TETRAHYDRO-1H-AZEPIN-4-YL]AMINO}CARBONYL)-3-METHYLBUTYL]-1-BENZOFURAN-2-CARBOXAMIDE
3 water water
#
_entity_poly.entity_id   1
_entity_poly.type   'polypeptide(L)'
_entity_poly.pdbx_seq_one_letter_code
;APDSVDYRKKGYVTPVKNQGQCGSCWAFSSVGALEGQLKKKTGKLLNLSPQNLVDCVSENDGCGGGYMTNAFQYVQKNRG
IDSEDAYPYVGQEESCMYNPTGKAAKCRGYREIPEGNEKALKRAVARVGPVSVAIDASLTSFQFYSKGVYYDESCNSDNL
NHAVLAVGYGIQKGNKHWIIKNSWGENWGNKGYILMARNKNNACGIANLASFPKM
;
_entity_poly.pdbx_strand_id   A,B
#
loop_
_chem_comp.id
_chem_comp.type
_chem_comp.name
_chem_comp.formula
ILI non-polymer N-[(1S)-1-({[(3S,4S,7R)-3-HYDROXY-7-METHYL-1-(PYRIDIN-2-YLSULFONYL)-2,3,4,7-TETRAHYDRO-1H-AZEPIN-4-YL]AMINO}CARBONYL)-3-METHYLBUTYL]-1-BENZOFURAN-2-CARBOXAMIDE 'C27 H32 N4 O6 S'
#
# COMPACT_ATOMS: atom_id res chain seq x y z
N ALA A 1 31.55 5.14 24.64
CA ALA A 1 30.19 5.29 24.06
C ALA A 1 30.16 6.20 22.81
N PRO A 2 30.96 5.88 21.78
CA PRO A 2 30.99 6.68 20.56
C PRO A 2 29.63 6.69 19.86
N ASP A 3 29.26 7.84 19.28
CA ASP A 3 27.99 7.95 18.61
C ASP A 3 27.92 7.00 17.43
N SER A 4 27.74 5.72 17.73
CA SER A 4 27.64 4.70 16.69
C SER A 4 27.04 3.42 17.26
N VAL A 5 26.33 2.68 16.43
CA VAL A 5 25.72 1.43 16.86
C VAL A 5 25.83 0.39 15.76
N ASP A 6 25.73 -0.87 16.15
CA ASP A 6 25.83 -1.97 15.21
C ASP A 6 25.08 -3.13 15.82
N TYR A 7 23.82 -3.30 15.44
CA TYR A 7 22.99 -4.36 15.98
C TYR A 7 23.45 -5.77 15.64
N ARG A 8 24.47 -5.87 14.78
CA ARG A 8 25.00 -7.18 14.42
C ARG A 8 25.83 -7.68 15.60
N LYS A 9 26.41 -6.75 16.35
CA LYS A 9 27.24 -7.10 17.50
C LYS A 9 26.37 -7.49 18.67
N LYS A 10 25.12 -7.05 18.65
CA LYS A 10 24.16 -7.34 19.72
C LYS A 10 23.37 -8.62 19.48
N GLY A 11 23.43 -9.14 18.26
CA GLY A 11 22.70 -10.37 17.96
C GLY A 11 21.25 -10.09 17.57
N TYR A 12 21.06 -9.01 16.81
CA TYR A 12 19.73 -8.61 16.36
C TYR A 12 19.49 -8.84 14.87
N VAL A 13 20.53 -9.20 14.12
CA VAL A 13 20.30 -9.43 12.70
C VAL A 13 20.72 -10.81 12.23
N THR A 14 19.79 -11.44 11.50
CA THR A 14 20.00 -12.78 10.95
C THR A 14 20.96 -12.71 9.77
N PRO A 15 21.51 -13.87 9.36
CA PRO A 15 22.45 -13.99 8.23
C PRO A 15 21.90 -13.33 6.99
N VAL A 16 22.79 -12.87 6.12
CA VAL A 16 22.35 -12.25 4.89
C VAL A 16 21.58 -13.29 4.09
N LYS A 17 20.57 -12.83 3.37
CA LYS A 17 19.72 -13.68 2.54
C LYS A 17 19.83 -13.26 1.08
N ASN A 18 19.30 -14.09 0.20
CA ASN A 18 19.34 -13.85 -1.24
C ASN A 18 17.92 -13.94 -1.81
N GLN A 19 17.35 -12.80 -2.17
CA GLN A 19 15.99 -12.76 -2.72
C GLN A 19 15.92 -13.37 -4.13
N GLY A 20 17.07 -13.44 -4.80
CA GLY A 20 17.11 -13.99 -6.14
C GLY A 20 16.40 -13.11 -7.14
N GLN A 21 15.86 -13.75 -8.18
CA GLN A 21 15.15 -13.02 -9.21
C GLN A 21 13.67 -12.91 -8.88
N CYS A 22 13.37 -12.14 -7.85
CA CYS A 22 12.00 -11.89 -7.41
C CYS A 22 12.00 -10.50 -6.76
N GLY A 23 11.00 -9.69 -7.11
CA GLY A 23 10.91 -8.36 -6.52
C GLY A 23 10.38 -8.43 -5.10
N SER A 24 11.10 -9.15 -4.23
CA SER A 24 10.69 -9.31 -2.85
C SER A 24 11.62 -8.58 -1.86
N CYS A 25 12.38 -7.61 -2.37
CA CYS A 25 13.30 -6.87 -1.51
C CYS A 25 12.53 -6.26 -0.34
N TRP A 26 11.31 -5.81 -0.60
CA TRP A 26 10.47 -5.23 0.42
C TRP A 26 10.19 -6.26 1.52
N ALA A 27 9.98 -7.51 1.12
CA ALA A 27 9.72 -8.60 2.06
C ALA A 27 10.90 -8.89 3.00
N PHE A 28 12.12 -8.90 2.45
CA PHE A 28 13.28 -9.14 3.28
C PHE A 28 13.52 -7.94 4.17
N SER A 29 13.21 -6.75 3.65
CA SER A 29 13.35 -5.52 4.42
C SER A 29 12.42 -5.65 5.62
N SER A 30 11.16 -5.97 5.35
CA SER A 30 10.16 -6.13 6.39
C SER A 30 10.53 -7.15 7.46
N VAL A 31 10.93 -8.35 7.01
CA VAL A 31 11.35 -9.44 7.91
C VAL A 31 12.50 -9.03 8.85
N GLY A 32 13.46 -8.27 8.31
CA GLY A 32 14.60 -7.81 9.10
C GLY A 32 14.17 -6.95 10.29
N ALA A 33 13.36 -5.95 10.00
CA ALA A 33 12.88 -5.06 11.05
C ALA A 33 12.09 -5.86 12.07
N LEU A 34 11.34 -6.85 11.61
CA LEU A 34 10.55 -7.68 12.52
C LEU A 34 11.45 -8.58 13.37
N GLU A 35 12.53 -9.07 12.77
CA GLU A 35 13.48 -9.95 13.46
C GLU A 35 14.16 -9.14 14.56
N GLY A 36 14.48 -7.89 14.25
CA GLY A 36 15.12 -7.03 15.23
C GLY A 36 14.21 -6.88 16.45
N GLN A 37 12.95 -6.49 16.20
CA GLN A 37 12.02 -6.33 17.29
C GLN A 37 11.67 -7.63 18.01
N LEU A 38 11.72 -8.76 17.32
CA LEU A 38 11.41 -10.03 17.96
C LEU A 38 12.45 -10.36 19.02
N LYS A 39 13.71 -10.09 18.70
CA LYS A 39 14.82 -10.37 19.61
C LYS A 39 14.73 -9.44 20.83
N LYS A 40 14.52 -8.15 20.57
CA LYS A 40 14.43 -7.14 21.59
C LYS A 40 13.35 -7.43 22.64
N LYS A 41 12.26 -8.06 22.21
CA LYS A 41 11.16 -8.34 23.14
C LYS A 41 11.13 -9.75 23.75
N THR A 42 11.98 -10.66 23.27
CA THR A 42 11.97 -12.03 23.75
C THR A 42 13.35 -12.67 23.94
N GLY A 43 14.39 -11.94 23.54
CA GLY A 43 15.74 -12.45 23.66
C GLY A 43 16.10 -13.50 22.62
N LYS A 44 15.15 -13.81 21.75
CA LYS A 44 15.38 -14.82 20.72
C LYS A 44 15.48 -14.27 19.29
N LEU A 45 16.59 -14.57 18.63
CA LEU A 45 16.82 -14.15 17.26
C LEU A 45 16.54 -15.36 16.37
N LEU A 46 15.82 -15.14 15.27
CA LEU A 46 15.48 -16.23 14.37
C LEU A 46 15.04 -15.68 13.00
N ASN A 47 15.03 -16.54 11.98
CA ASN A 47 14.62 -16.10 10.64
C ASN A 47 13.11 -16.08 10.48
N LEU A 48 12.59 -15.02 9.88
CA LEU A 48 11.17 -14.91 9.64
C LEU A 48 10.91 -15.14 8.16
N SER A 49 9.65 -15.42 7.80
CA SER A 49 9.31 -15.75 6.43
C SER A 49 9.01 -14.66 5.42
N PRO A 50 10.01 -14.29 4.60
CA PRO A 50 9.72 -13.26 3.59
C PRO A 50 8.73 -13.82 2.54
N GLN A 51 8.65 -15.15 2.47
CA GLN A 51 7.76 -15.82 1.53
C GLN A 51 6.33 -15.60 2.00
N ASN A 52 6.13 -15.74 3.30
CA ASN A 52 4.84 -15.55 3.92
C ASN A 52 4.26 -14.20 3.49
N LEU A 53 5.14 -13.20 3.35
CA LEU A 53 4.69 -11.88 2.95
C LEU A 53 4.37 -11.78 1.45
N VAL A 54 5.23 -12.32 0.60
CA VAL A 54 5.00 -12.28 -0.84
C VAL A 54 3.65 -12.94 -1.21
N ASP A 55 3.40 -14.14 -0.70
CA ASP A 55 2.17 -14.85 -1.03
C ASP A 55 0.90 -14.29 -0.38
N CYS A 56 1.05 -13.66 0.80
CA CYS A 56 -0.12 -13.17 1.50
C CYS A 56 -0.39 -11.67 1.58
N VAL A 57 0.61 -10.81 1.39
CA VAL A 57 0.35 -9.38 1.47
C VAL A 57 -0.31 -8.88 0.18
N SER A 58 -1.62 -8.99 0.15
CA SER A 58 -2.44 -8.59 -0.99
C SER A 58 -2.35 -7.13 -1.39
N GLU A 59 -1.82 -6.28 -0.51
CA GLU A 59 -1.68 -4.86 -0.85
C GLU A 59 -0.46 -4.74 -1.77
N ASN A 60 0.44 -5.70 -1.69
CA ASN A 60 1.64 -5.74 -2.51
C ASN A 60 1.45 -6.63 -3.74
N ASP A 61 2.43 -6.64 -4.64
CA ASP A 61 2.32 -7.42 -5.86
C ASP A 61 3.32 -8.57 -5.97
N GLY A 62 3.51 -9.31 -4.88
CA GLY A 62 4.41 -10.45 -4.91
C GLY A 62 5.80 -10.12 -5.43
N CYS A 63 6.28 -10.89 -6.40
CA CYS A 63 7.59 -10.64 -6.98
C CYS A 63 7.53 -9.39 -7.87
N GLY A 64 6.35 -8.78 -7.91
CA GLY A 64 6.20 -7.57 -8.70
C GLY A 64 6.66 -6.34 -7.92
N GLY A 65 6.84 -6.51 -6.61
CA GLY A 65 7.27 -5.41 -5.75
C GLY A 65 6.24 -5.08 -4.67
N GLY A 66 6.69 -4.40 -3.62
CA GLY A 66 5.80 -4.03 -2.53
C GLY A 66 6.36 -2.97 -1.57
N TYR A 67 5.55 -2.57 -0.59
CA TYR A 67 5.95 -1.58 0.41
C TYR A 67 6.00 -2.26 1.78
N MET A 68 6.85 -1.76 2.66
CA MET A 68 7.01 -2.34 3.99
C MET A 68 5.85 -2.07 4.93
N THR A 69 5.17 -0.92 4.76
CA THR A 69 4.07 -0.63 5.66
C THR A 69 2.98 -1.68 5.46
N ASN A 70 2.69 -2.00 4.20
CA ASN A 70 1.66 -2.98 3.89
C ASN A 70 1.95 -4.35 4.50
N ALA A 71 3.23 -4.75 4.55
CA ALA A 71 3.58 -6.02 5.16
C ALA A 71 3.32 -5.94 6.68
N PHE A 72 3.77 -4.86 7.32
CA PHE A 72 3.55 -4.67 8.75
C PHE A 72 2.05 -4.66 9.06
N GLN A 73 1.26 -3.99 8.22
CA GLN A 73 -0.18 -3.94 8.42
C GLN A 73 -0.71 -5.38 8.28
N TYR A 74 -0.12 -6.16 7.39
CA TYR A 74 -0.55 -7.54 7.23
C TYR A 74 -0.26 -8.37 8.48
N VAL A 75 0.96 -8.29 9.01
CA VAL A 75 1.29 -9.08 10.20
C VAL A 75 0.33 -8.71 11.31
N GLN A 76 -0.02 -7.43 11.41
CA GLN A 76 -0.94 -6.98 12.44
C GLN A 76 -2.34 -7.54 12.27
N LYS A 77 -2.91 -7.37 11.08
CA LYS A 77 -4.26 -7.85 10.82
C LYS A 77 -4.34 -9.38 10.88
N ASN A 78 -3.31 -10.03 10.36
CA ASN A 78 -3.22 -11.50 10.32
C ASN A 78 -3.00 -12.08 11.72
N ARG A 79 -2.43 -11.28 12.61
CA ARG A 79 -2.14 -11.67 13.99
C ARG A 79 -0.95 -12.62 14.03
N GLY A 80 0.01 -12.36 13.16
CA GLY A 80 1.20 -13.17 13.12
C GLY A 80 1.85 -13.38 11.78
N ILE A 81 3.13 -13.72 11.83
CA ILE A 81 3.90 -14.02 10.64
C ILE A 81 4.62 -15.33 10.96
N ASP A 82 4.72 -16.20 9.97
CA ASP A 82 5.38 -17.47 10.16
C ASP A 82 6.89 -17.27 10.21
N SER A 83 7.59 -18.28 10.67
CA SER A 83 9.04 -18.24 10.71
C SER A 83 9.45 -18.80 9.35
N GLU A 84 10.72 -18.63 9.00
CA GLU A 84 11.21 -19.15 7.72
C GLU A 84 10.98 -20.66 7.67
N ASP A 85 11.47 -21.37 8.67
CA ASP A 85 11.35 -22.81 8.75
C ASP A 85 9.94 -23.30 8.49
N ALA A 86 8.96 -22.57 9.01
CA ALA A 86 7.58 -22.97 8.84
C ALA A 86 6.95 -22.45 7.55
N TYR A 87 7.68 -21.60 6.83
CA TYR A 87 7.18 -21.03 5.58
C TYR A 87 8.39 -20.67 4.73
N PRO A 88 9.09 -21.67 4.20
CA PRO A 88 10.30 -21.54 3.38
C PRO A 88 10.20 -20.58 2.21
N TYR A 89 11.35 -20.04 1.83
CA TYR A 89 11.41 -19.10 0.73
C TYR A 89 11.59 -19.81 -0.62
N VAL A 90 10.62 -19.67 -1.53
CA VAL A 90 10.72 -20.32 -2.84
C VAL A 90 11.21 -19.36 -3.95
N GLY A 91 10.90 -18.08 -3.82
CA GLY A 91 11.35 -17.13 -4.83
C GLY A 91 10.36 -16.81 -5.93
N GLN A 92 9.14 -17.31 -5.80
CA GLN A 92 8.08 -17.06 -6.79
C GLN A 92 6.80 -16.90 -5.99
N GLU A 93 5.85 -16.13 -6.52
CA GLU A 93 4.58 -15.92 -5.84
C GLU A 93 3.74 -17.18 -5.93
N GLU A 94 3.13 -17.55 -4.82
CA GLU A 94 2.25 -18.71 -4.74
C GLU A 94 1.10 -18.37 -3.80
N SER A 95 0.05 -19.20 -3.78
CA SER A 95 -1.08 -18.94 -2.89
C SER A 95 -0.62 -18.85 -1.44
N CYS A 96 -1.30 -18.01 -0.68
CA CYS A 96 -1.00 -17.83 0.73
C CYS A 96 -1.18 -19.14 1.46
N MET A 97 -0.15 -19.54 2.20
CA MET A 97 -0.18 -20.78 2.94
C MET A 97 0.20 -20.50 4.40
N TYR A 98 -0.28 -19.38 4.91
CA TYR A 98 0.01 -18.98 6.28
C TYR A 98 -0.47 -20.07 7.24
N ASN A 99 0.39 -20.42 8.19
CA ASN A 99 0.07 -21.45 9.16
C ASN A 99 0.23 -20.97 10.62
N PRO A 100 -0.88 -20.89 11.36
CA PRO A 100 -0.94 -20.46 12.77
C PRO A 100 0.12 -21.13 13.63
N THR A 101 0.33 -22.42 13.38
CA THR A 101 1.30 -23.19 14.14
C THR A 101 2.71 -22.68 13.93
N GLY A 102 2.97 -22.09 12.76
CA GLY A 102 4.29 -21.57 12.47
C GLY A 102 4.52 -20.15 12.94
N LYS A 103 3.58 -19.62 13.72
CA LYS A 103 3.66 -18.25 14.23
C LYS A 103 4.90 -18.00 15.09
N ALA A 104 5.68 -17.01 14.70
CA ALA A 104 6.91 -16.67 15.42
C ALA A 104 6.91 -15.23 15.94
N ALA A 105 6.03 -14.39 15.41
CA ALA A 105 5.95 -13.00 15.85
C ALA A 105 4.77 -12.30 15.24
N LYS A 106 4.37 -11.19 15.86
CA LYS A 106 3.27 -10.37 15.36
C LYS A 106 3.66 -8.95 15.60
N CYS A 107 2.78 -8.00 15.29
CA CYS A 107 3.08 -6.60 15.57
C CYS A 107 1.82 -5.80 15.85
N ARG A 108 1.95 -4.73 16.63
CA ARG A 108 0.81 -3.90 16.98
C ARG A 108 0.70 -2.71 16.04
N GLY A 109 1.41 -2.78 14.92
CA GLY A 109 1.37 -1.69 13.97
C GLY A 109 2.75 -1.22 13.57
N TYR A 110 2.83 0.00 13.03
CA TYR A 110 4.10 0.53 12.59
C TYR A 110 4.18 2.04 12.81
N ARG A 111 5.38 2.58 12.62
CA ARG A 111 5.61 4.01 12.77
C ARG A 111 6.52 4.40 11.63
N GLU A 112 6.11 5.41 10.89
CA GLU A 112 6.88 5.90 9.76
C GLU A 112 7.86 6.98 10.19
N ILE A 113 9.04 7.01 9.56
CA ILE A 113 10.02 8.03 9.84
C ILE A 113 9.66 9.24 8.94
N PRO A 114 9.54 10.44 9.52
CA PRO A 114 9.20 11.61 8.69
C PRO A 114 10.11 11.64 7.47
N GLU A 115 9.53 11.96 6.31
CA GLU A 115 10.24 12.01 5.05
C GLU A 115 11.52 12.87 4.98
N GLY A 116 12.65 12.19 4.78
CA GLY A 116 13.94 12.84 4.63
C GLY A 116 14.69 13.19 5.90
N ASN A 117 14.10 12.88 7.04
CA ASN A 117 14.72 13.19 8.32
C ASN A 117 15.71 12.14 8.80
N GLU A 118 16.97 12.27 8.37
CA GLU A 118 18.00 11.33 8.78
C GLU A 118 18.20 11.31 10.29
N LYS A 119 18.03 12.45 10.94
CA LYS A 119 18.19 12.51 12.39
C LYS A 119 17.13 11.65 13.06
N ALA A 120 15.92 11.65 12.52
CA ALA A 120 14.85 10.85 13.08
C ALA A 120 15.13 9.36 12.84
N LEU A 121 15.72 9.04 11.69
CA LEU A 121 16.08 7.66 11.35
C LEU A 121 17.19 7.21 12.30
N LYS A 122 18.17 8.09 12.51
CA LYS A 122 19.30 7.81 13.40
C LYS A 122 18.82 7.48 14.81
N ARG A 123 17.90 8.31 15.29
CA ARG A 123 17.33 8.13 16.61
C ARG A 123 16.47 6.85 16.65
N ALA A 124 15.75 6.56 15.57
CA ALA A 124 14.93 5.34 15.55
C ALA A 124 15.83 4.10 15.54
N VAL A 125 16.94 4.18 14.81
CA VAL A 125 17.90 3.08 14.75
C VAL A 125 18.60 2.89 16.08
N ALA A 126 18.90 3.99 16.76
CA ALA A 126 19.59 3.90 18.03
C ALA A 126 18.74 3.37 19.19
N ARG A 127 17.50 3.85 19.31
CA ARG A 127 16.64 3.42 20.41
C ARG A 127 15.61 2.32 20.15
N VAL A 128 15.30 2.05 18.89
CA VAL A 128 14.33 0.99 18.58
C VAL A 128 14.95 -0.30 18.05
N GLY A 129 15.82 -0.17 17.06
CA GLY A 129 16.46 -1.34 16.48
C GLY A 129 16.55 -1.18 14.98
N PRO A 130 16.89 -2.24 14.25
CA PRO A 130 17.00 -2.15 12.79
C PRO A 130 15.73 -1.55 12.17
N VAL A 131 15.93 -0.66 11.19
CA VAL A 131 14.84 0.05 10.51
C VAL A 131 14.75 -0.24 9.00
N SER A 132 13.53 -0.46 8.50
CA SER A 132 13.32 -0.71 7.08
C SER A 132 13.47 0.60 6.32
N VAL A 133 14.25 0.59 5.25
CA VAL A 133 14.45 1.81 4.45
C VAL A 133 14.44 1.51 2.95
N ALA A 134 14.03 2.51 2.18
CA ALA A 134 13.96 2.46 0.73
C ALA A 134 15.01 3.39 0.15
N ILE A 135 15.74 2.93 -0.85
CA ILE A 135 16.78 3.73 -1.46
C ILE A 135 16.67 3.62 -2.97
N ASP A 136 17.59 4.32 -3.65
CA ASP A 136 17.68 4.25 -5.10
C ASP A 136 18.91 3.39 -5.32
N ALA A 137 18.70 2.16 -5.76
CA ALA A 137 19.81 1.23 -6.01
C ALA A 137 20.02 0.96 -7.49
N SER A 138 19.44 1.79 -8.34
CA SER A 138 19.56 1.63 -9.79
C SER A 138 20.97 1.89 -10.34
N LEU A 139 21.71 2.78 -9.70
CA LEU A 139 23.06 3.09 -10.15
C LEU A 139 23.97 1.88 -10.19
N THR A 140 24.71 1.75 -11.29
CA THR A 140 25.63 0.64 -11.45
C THR A 140 26.70 0.68 -10.38
N SER A 141 27.05 1.88 -9.92
CA SER A 141 28.08 2.06 -8.90
C SER A 141 27.69 1.40 -7.57
N PHE A 142 26.38 1.29 -7.33
CA PHE A 142 25.88 0.67 -6.11
C PHE A 142 26.01 -0.85 -6.25
N GLN A 143 25.66 -1.36 -7.43
CA GLN A 143 25.73 -2.79 -7.71
C GLN A 143 27.13 -3.36 -7.58
N PHE A 144 28.14 -2.60 -7.98
CA PHE A 144 29.53 -3.06 -7.88
C PHE A 144 30.27 -2.51 -6.67
N TYR A 145 29.54 -1.99 -5.70
CA TYR A 145 30.16 -1.48 -4.49
C TYR A 145 30.88 -2.66 -3.84
N SER A 146 31.97 -2.39 -3.12
CA SER A 146 32.70 -3.46 -2.46
C SER A 146 33.28 -3.05 -1.11
N LYS A 147 33.47 -1.75 -0.90
CA LYS A 147 34.03 -1.28 0.37
C LYS A 147 34.01 0.23 0.53
N GLY A 148 34.18 0.68 1.77
CA GLY A 148 34.17 2.09 2.08
C GLY A 148 32.76 2.59 2.35
N VAL A 149 32.58 3.92 2.27
CA VAL A 149 31.28 4.53 2.49
C VAL A 149 30.73 4.94 1.14
N TYR A 150 29.70 4.24 0.66
CA TYR A 150 29.10 4.55 -0.64
C TYR A 150 28.44 5.92 -0.72
N TYR A 151 28.60 6.55 -1.87
CA TYR A 151 28.03 7.87 -2.13
C TYR A 151 28.28 8.30 -3.57
N ASP A 152 27.20 8.57 -4.30
CA ASP A 152 27.26 8.99 -5.70
C ASP A 152 26.14 10.00 -5.94
N GLU A 153 26.52 11.24 -6.23
CA GLU A 153 25.59 12.33 -6.46
C GLU A 153 24.46 12.06 -7.45
N SER A 154 24.60 11.02 -8.27
CA SER A 154 23.57 10.71 -9.25
C SER A 154 22.36 10.02 -8.62
N CYS A 155 22.54 9.47 -7.42
CA CYS A 155 21.46 8.79 -6.71
C CYS A 155 20.26 9.73 -6.63
N ASN A 156 19.16 9.34 -7.25
CA ASN A 156 17.96 10.15 -7.26
C ASN A 156 17.14 9.81 -6.02
N SER A 157 17.06 10.76 -5.09
CA SER A 157 16.31 10.53 -3.86
C SER A 157 14.81 10.50 -4.14
N ASP A 158 14.43 10.85 -5.37
CA ASP A 158 13.02 10.85 -5.77
C ASP A 158 12.70 9.61 -6.60
N ASN A 159 13.70 8.75 -6.76
CA ASN A 159 13.54 7.51 -7.52
C ASN A 159 13.78 6.29 -6.63
N LEU A 160 12.91 6.05 -5.65
CA LEU A 160 13.07 4.90 -4.76
C LEU A 160 12.64 3.64 -5.49
N ASN A 161 13.51 2.63 -5.48
CA ASN A 161 13.23 1.37 -6.15
C ASN A 161 13.64 0.11 -5.39
N HIS A 162 14.49 0.25 -4.37
CA HIS A 162 14.97 -0.88 -3.57
C HIS A 162 14.70 -0.74 -2.06
N ALA A 163 14.31 -1.86 -1.44
CA ALA A 163 14.00 -1.88 -0.01
C ALA A 163 15.03 -2.71 0.77
N VAL A 164 15.84 -2.03 1.58
CA VAL A 164 16.86 -2.70 2.36
C VAL A 164 16.69 -2.49 3.89
N LEU A 165 17.75 -2.74 4.66
CA LEU A 165 17.65 -2.62 6.11
C LEU A 165 18.80 -1.85 6.76
N ALA A 166 18.47 -0.98 7.72
CA ALA A 166 19.47 -0.18 8.43
C ALA A 166 19.72 -0.88 9.76
N VAL A 167 20.92 -1.46 9.86
CA VAL A 167 21.36 -2.22 11.01
C VAL A 167 22.18 -1.40 11.98
N GLY A 168 22.64 -0.24 11.53
CA GLY A 168 23.43 0.62 12.41
C GLY A 168 23.94 1.87 11.71
N TYR A 169 24.84 2.58 12.38
CA TYR A 169 25.41 3.80 11.82
C TYR A 169 26.71 4.12 12.57
N GLY A 170 27.58 4.88 11.92
CA GLY A 170 28.84 5.24 12.54
C GLY A 170 29.71 6.09 11.65
N ILE A 171 31.03 5.97 11.83
CA ILE A 171 31.99 6.74 11.05
C ILE A 171 33.21 5.87 10.72
N GLN A 172 33.68 5.94 9.48
CA GLN A 172 34.81 5.11 9.08
C GLN A 172 36.13 5.88 9.03
N LYS A 173 36.28 6.73 8.01
CA LYS A 173 37.51 7.51 7.88
C LYS A 173 37.07 8.96 7.83
N GLY A 174 36.44 9.39 8.92
CA GLY A 174 35.93 10.74 9.01
C GLY A 174 34.67 10.86 8.16
N ASN A 175 34.15 9.72 7.71
CA ASN A 175 32.94 9.71 6.91
C ASN A 175 31.83 8.95 7.60
N LYS A 176 30.74 9.66 7.88
CA LYS A 176 29.59 9.06 8.55
C LYS A 176 28.87 8.13 7.58
N HIS A 177 28.21 7.12 8.13
CA HIS A 177 27.51 6.16 7.28
C HIS A 177 26.37 5.46 8.00
N TRP A 178 25.67 4.66 7.22
CA TRP A 178 24.56 3.85 7.71
C TRP A 178 24.95 2.39 7.44
N ILE A 179 24.86 1.53 8.44
CA ILE A 179 25.19 0.13 8.20
C ILE A 179 23.93 -0.47 7.58
N ILE A 180 24.00 -0.73 6.28
CA ILE A 180 22.87 -1.28 5.53
C ILE A 180 23.00 -2.77 5.18
N LYS A 181 22.00 -3.56 5.57
CA LYS A 181 21.96 -4.99 5.25
C LYS A 181 21.20 -5.14 3.93
N ASN A 182 21.80 -5.84 2.97
CA ASN A 182 21.15 -6.05 1.66
C ASN A 182 20.61 -7.49 1.57
N SER A 183 19.85 -7.79 0.53
CA SER A 183 19.29 -9.11 0.35
C SER A 183 19.68 -9.72 -1.00
N TRP A 184 20.92 -9.47 -1.40
CA TRP A 184 21.45 -9.98 -2.66
C TRP A 184 22.53 -11.05 -2.42
N GLY A 185 22.46 -11.70 -1.26
CA GLY A 185 23.46 -12.72 -0.94
C GLY A 185 24.73 -12.14 -0.33
N GLU A 186 25.47 -12.95 0.41
CA GLU A 186 26.70 -12.46 1.04
C GLU A 186 27.88 -12.30 0.10
N ASN A 187 27.65 -12.55 -1.18
CA ASN A 187 28.71 -12.39 -2.17
C ASN A 187 28.68 -10.98 -2.75
N TRP A 188 27.63 -10.25 -2.42
CA TRP A 188 27.47 -8.88 -2.90
C TRP A 188 28.03 -7.88 -1.89
N GLY A 189 28.48 -6.73 -2.39
CA GLY A 189 29.01 -5.70 -1.52
C GLY A 189 30.03 -6.24 -0.53
N ASN A 190 29.84 -5.93 0.75
CA ASN A 190 30.80 -6.42 1.73
C ASN A 190 30.20 -7.51 2.61
N LYS A 191 30.14 -8.71 2.04
CA LYS A 191 29.61 -9.88 2.72
C LYS A 191 28.12 -9.76 2.95
N GLY A 192 27.47 -8.99 2.06
CA GLY A 192 26.04 -8.79 2.14
C GLY A 192 25.66 -7.39 2.57
N TYR A 193 26.66 -6.61 2.97
CA TYR A 193 26.42 -5.26 3.43
C TYR A 193 27.02 -4.17 2.60
N ILE A 194 26.73 -2.94 3.00
CA ILE A 194 27.24 -1.76 2.36
C ILE A 194 27.07 -0.57 3.31
N LEU A 195 28.13 0.22 3.48
CA LEU A 195 28.09 1.40 4.32
C LEU A 195 27.64 2.53 3.40
N MET A 196 26.52 3.18 3.70
CA MET A 196 26.02 4.28 2.86
C MET A 196 26.16 5.64 3.55
N ALA A 197 26.65 6.63 2.81
CA ALA A 197 26.85 7.98 3.32
C ALA A 197 25.69 8.52 4.14
N ARG A 198 25.99 8.93 5.38
CA ARG A 198 24.99 9.48 6.29
C ARG A 198 25.16 11.00 6.44
N ASN A 199 24.05 11.73 6.51
CA ASN A 199 24.06 13.18 6.66
C ASN A 199 24.68 13.94 5.49
N LYS A 200 24.47 13.43 4.28
CA LYS A 200 24.96 14.05 3.06
C LYS A 200 23.77 14.33 2.14
N ASN A 201 22.84 15.13 2.65
CA ASN A 201 21.62 15.52 1.96
C ASN A 201 20.71 14.33 1.61
N ASN A 202 20.58 13.42 2.57
CA ASN A 202 19.72 12.24 2.40
C ASN A 202 19.99 11.55 1.05
N ALA A 203 21.23 11.09 0.89
CA ALA A 203 21.68 10.43 -0.33
C ALA A 203 20.88 9.16 -0.65
N CYS A 204 20.51 9.02 -1.92
CA CYS A 204 19.71 7.89 -2.40
C CYS A 204 18.37 7.89 -1.68
N GLY A 205 18.08 9.00 -0.99
CA GLY A 205 16.83 9.13 -0.28
C GLY A 205 16.63 8.02 0.74
N ILE A 206 17.70 7.67 1.44
CA ILE A 206 17.66 6.62 2.45
C ILE A 206 16.65 6.90 3.56
N ALA A 207 16.20 8.14 3.69
CA ALA A 207 15.23 8.46 4.74
C ALA A 207 13.87 8.91 4.20
N ASN A 208 13.62 8.71 2.92
CA ASN A 208 12.36 9.12 2.33
C ASN A 208 11.18 8.18 2.54
N LEU A 209 11.46 6.93 2.90
CA LEU A 209 10.38 5.98 3.10
C LEU A 209 10.82 4.89 4.08
N ALA A 210 11.17 5.30 5.29
CA ALA A 210 11.61 4.35 6.31
C ALA A 210 10.51 4.13 7.33
N SER A 211 10.50 2.94 7.93
CA SER A 211 9.49 2.64 8.94
C SER A 211 9.89 1.38 9.68
N PHE A 212 9.23 1.15 10.82
CA PHE A 212 9.49 -0.05 11.60
C PHE A 212 8.26 -0.60 12.29
N PRO A 213 8.24 -1.91 12.55
CA PRO A 213 7.09 -2.53 13.20
C PRO A 213 7.07 -2.21 14.68
N LYS A 214 5.91 -2.32 15.30
CA LYS A 214 5.76 -2.07 16.73
C LYS A 214 5.30 -3.39 17.34
N MET A 215 6.02 -3.90 18.33
CA MET A 215 5.68 -5.16 18.98
C MET A 215 5.45 -4.96 20.48
N ALA B 1 -37.28 -10.10 -8.33
CA ALA B 1 -35.88 -10.15 -7.77
C ALA B 1 -34.89 -10.47 -8.90
N PRO B 2 -34.84 -9.62 -9.95
CA PRO B 2 -33.91 -9.88 -11.06
C PRO B 2 -32.44 -10.03 -10.67
N ASP B 3 -31.67 -10.61 -11.61
CA ASP B 3 -30.23 -10.83 -11.44
C ASP B 3 -29.47 -9.51 -11.51
N SER B 4 -30.12 -8.42 -11.13
CA SER B 4 -29.46 -7.12 -11.17
C SER B 4 -29.60 -6.41 -9.83
N VAL B 5 -28.68 -5.49 -9.56
CA VAL B 5 -28.71 -4.73 -8.33
C VAL B 5 -28.22 -3.32 -8.62
N ASP B 6 -28.93 -2.33 -8.07
CA ASP B 6 -28.55 -0.94 -8.27
C ASP B 6 -28.72 -0.22 -6.94
N TYR B 7 -27.60 0.05 -6.26
CA TYR B 7 -27.64 0.73 -4.98
C TYR B 7 -28.07 2.19 -5.03
N ARG B 8 -28.02 2.81 -6.20
CA ARG B 8 -28.47 4.19 -6.33
C ARG B 8 -29.96 4.21 -6.03
N LYS B 9 -30.57 3.03 -6.10
CA LYS B 9 -32.00 2.87 -5.82
C LYS B 9 -32.23 2.46 -4.36
N LYS B 10 -31.31 2.85 -3.48
CA LYS B 10 -31.42 2.51 -2.07
C LYS B 10 -30.92 3.66 -1.22
N GLY B 11 -30.43 4.71 -1.87
CA GLY B 11 -29.90 5.85 -1.16
C GLY B 11 -28.49 5.64 -0.63
N TYR B 12 -27.77 4.67 -1.22
CA TYR B 12 -26.40 4.34 -0.82
C TYR B 12 -25.33 5.19 -1.48
N VAL B 13 -25.67 5.92 -2.54
CA VAL B 13 -24.65 6.71 -3.21
C VAL B 13 -24.97 8.19 -3.31
N THR B 14 -23.96 9.01 -3.03
CA THR B 14 -24.11 10.46 -3.08
C THR B 14 -24.03 10.93 -4.53
N PRO B 15 -24.26 12.23 -4.77
CA PRO B 15 -24.21 12.81 -6.12
C PRO B 15 -22.81 12.67 -6.72
N VAL B 16 -22.73 12.48 -8.04
CA VAL B 16 -21.45 12.36 -8.71
C VAL B 16 -20.61 13.60 -8.41
N LYS B 17 -19.36 13.37 -8.03
CA LYS B 17 -18.45 14.45 -7.68
C LYS B 17 -17.46 14.68 -8.80
N ASN B 18 -16.71 15.77 -8.71
CA ASN B 18 -15.75 16.10 -9.74
C ASN B 18 -14.40 16.38 -9.11
N GLN B 19 -13.47 15.43 -9.23
CA GLN B 19 -12.13 15.53 -8.67
C GLN B 19 -11.25 16.63 -9.26
N GLY B 20 -11.49 16.98 -10.53
CA GLY B 20 -10.67 18.00 -11.16
C GLY B 20 -9.30 17.43 -11.47
N GLN B 21 -8.31 18.28 -11.68
CA GLN B 21 -6.95 17.83 -11.97
C GLN B 21 -6.29 17.61 -10.62
N CYS B 22 -5.97 16.35 -10.33
CA CYS B 22 -5.39 15.91 -9.06
C CYS B 22 -5.66 14.41 -8.98
N GLY B 23 -4.61 13.61 -8.93
CA GLY B 23 -4.79 12.16 -8.86
C GLY B 23 -5.41 11.74 -7.54
N SER B 24 -6.61 12.21 -7.28
CA SER B 24 -7.30 11.89 -6.04
C SER B 24 -8.47 10.96 -6.33
N CYS B 25 -8.40 10.28 -7.47
CA CYS B 25 -9.43 9.34 -7.88
C CYS B 25 -9.63 8.30 -6.77
N TRP B 26 -8.53 7.85 -6.20
CA TRP B 26 -8.58 6.86 -5.13
C TRP B 26 -9.37 7.38 -3.92
N ALA B 27 -9.21 8.67 -3.62
CA ALA B 27 -9.90 9.26 -2.47
C ALA B 27 -11.43 9.23 -2.64
N PHE B 28 -11.90 9.49 -3.87
CA PHE B 28 -13.33 9.48 -4.11
C PHE B 28 -13.90 8.08 -4.13
N SER B 29 -13.08 7.13 -4.59
CA SER B 29 -13.48 5.74 -4.65
C SER B 29 -13.67 5.25 -3.21
N SER B 30 -12.74 5.64 -2.33
CA SER B 30 -12.78 5.25 -0.92
C SER B 30 -13.97 5.87 -0.25
N VAL B 31 -14.09 7.19 -0.38
CA VAL B 31 -15.18 7.93 0.20
C VAL B 31 -16.52 7.31 -0.20
N GLY B 32 -16.63 6.91 -1.47
CA GLY B 32 -17.86 6.30 -1.95
C GLY B 32 -18.23 5.00 -1.26
N ALA B 33 -17.25 4.13 -1.05
CA ALA B 33 -17.50 2.87 -0.37
C ALA B 33 -17.91 3.13 1.09
N LEU B 34 -17.36 4.18 1.68
CA LEU B 34 -17.67 4.54 3.07
C LEU B 34 -19.07 5.15 3.20
N GLU B 35 -19.46 6.00 2.25
CA GLU B 35 -20.78 6.61 2.28
C GLU B 35 -21.83 5.49 2.19
N GLY B 36 -21.54 4.46 1.41
CA GLY B 36 -22.47 3.36 1.25
C GLY B 36 -22.68 2.58 2.52
N GLN B 37 -21.58 2.22 3.18
CA GLN B 37 -21.64 1.47 4.42
C GLN B 37 -22.28 2.28 5.54
N LEU B 38 -21.93 3.56 5.62
CA LEU B 38 -22.50 4.44 6.63
C LEU B 38 -24.02 4.48 6.43
N LYS B 39 -24.44 4.57 5.17
CA LYS B 39 -25.86 4.60 4.85
C LYS B 39 -26.53 3.30 5.31
N LYS B 40 -25.90 2.18 4.97
CA LYS B 40 -26.39 0.86 5.34
C LYS B 40 -26.49 0.68 6.86
N LYS B 41 -25.46 1.14 7.57
CA LYS B 41 -25.40 1.02 9.01
C LYS B 41 -26.27 2.01 9.77
N THR B 42 -26.45 3.22 9.25
CA THR B 42 -27.24 4.21 9.97
C THR B 42 -28.53 4.64 9.24
N GLY B 43 -28.54 4.49 7.93
CA GLY B 43 -29.70 4.89 7.15
C GLY B 43 -29.54 6.29 6.59
N LYS B 44 -28.48 6.99 6.99
CA LYS B 44 -28.21 8.35 6.51
C LYS B 44 -27.18 8.38 5.37
N LEU B 45 -27.51 9.11 4.30
CA LEU B 45 -26.63 9.28 3.15
C LEU B 45 -25.95 10.62 3.30
N LEU B 46 -24.63 10.60 3.48
CA LEU B 46 -23.88 11.83 3.68
C LEU B 46 -22.62 11.89 2.82
N ASN B 47 -22.18 13.10 2.48
CA ASN B 47 -20.96 13.31 1.69
C ASN B 47 -19.78 13.22 2.67
N LEU B 48 -18.79 12.38 2.36
CA LEU B 48 -17.61 12.26 3.21
C LEU B 48 -16.44 12.99 2.55
N SER B 49 -15.45 13.37 3.37
CA SER B 49 -14.31 14.16 2.89
C SER B 49 -13.15 13.49 2.19
N PRO B 50 -13.13 13.54 0.85
CA PRO B 50 -12.04 12.93 0.09
C PRO B 50 -10.76 13.74 0.23
N GLN B 51 -10.89 15.01 0.65
CA GLN B 51 -9.74 15.89 0.85
C GLN B 51 -9.01 15.44 2.11
N ASN B 52 -9.80 15.04 3.10
CA ASN B 52 -9.28 14.55 4.36
C ASN B 52 -8.33 13.37 4.07
N LEU B 53 -8.67 12.57 3.05
CA LEU B 53 -7.86 11.41 2.68
C LEU B 53 -6.63 11.81 1.88
N VAL B 54 -6.78 12.81 1.04
CA VAL B 54 -5.69 13.30 0.20
C VAL B 54 -4.57 13.95 1.00
N ASP B 55 -4.91 14.64 2.09
CA ASP B 55 -3.90 15.31 2.90
C ASP B 55 -3.33 14.47 4.03
N CYS B 56 -4.11 13.50 4.51
CA CYS B 56 -3.70 12.71 5.65
C CYS B 56 -3.34 11.22 5.48
N VAL B 57 -3.46 10.68 4.27
CA VAL B 57 -3.09 9.28 4.11
C VAL B 57 -1.65 9.26 3.63
N SER B 58 -0.71 9.22 4.57
CA SER B 58 0.71 9.24 4.24
C SER B 58 1.22 7.99 3.53
N GLU B 59 0.36 6.98 3.37
CA GLU B 59 0.75 5.78 2.66
C GLU B 59 0.54 6.02 1.17
N ASN B 60 -0.25 7.05 0.86
CA ASN B 60 -0.51 7.43 -0.52
C ASN B 60 0.25 8.74 -0.78
N ASP B 61 0.25 9.20 -2.02
CA ASP B 61 0.97 10.43 -2.36
C ASP B 61 0.07 11.57 -2.81
N GLY B 62 -0.91 11.91 -1.96
CA GLY B 62 -1.84 12.99 -2.25
C GLY B 62 -2.36 13.03 -3.68
N CYS B 63 -2.22 14.19 -4.33
CA CYS B 63 -2.68 14.32 -5.70
C CYS B 63 -1.78 13.53 -6.66
N GLY B 64 -0.81 12.82 -6.10
CA GLY B 64 0.10 12.03 -6.91
C GLY B 64 -0.48 10.66 -7.17
N GLY B 65 -1.39 10.22 -6.30
CA GLY B 65 -1.99 8.91 -6.48
C GLY B 65 -2.05 8.09 -5.19
N GLY B 66 -2.77 6.98 -5.24
CA GLY B 66 -2.87 6.14 -4.07
C GLY B 66 -3.81 4.97 -4.27
N TYR B 67 -3.96 4.16 -3.22
CA TYR B 67 -4.84 3.00 -3.23
C TYR B 67 -5.94 3.22 -2.20
N MET B 68 -7.04 2.51 -2.36
CA MET B 68 -8.17 2.64 -1.45
C MET B 68 -7.94 1.91 -0.14
N THR B 69 -7.20 0.81 -0.18
CA THR B 69 -6.94 0.06 1.04
C THR B 69 -6.21 0.96 2.02
N ASN B 70 -5.13 1.59 1.55
CA ASN B 70 -4.36 2.50 2.39
C ASN B 70 -5.31 3.53 3.01
N ALA B 71 -6.26 4.01 2.23
CA ALA B 71 -7.23 5.00 2.71
C ALA B 71 -8.11 4.43 3.83
N PHE B 72 -8.57 3.19 3.65
CA PHE B 72 -9.42 2.53 4.64
C PHE B 72 -8.62 2.25 5.92
N GLN B 73 -7.38 1.81 5.76
CA GLN B 73 -6.56 1.54 6.94
C GLN B 73 -6.32 2.83 7.72
N TYR B 74 -6.18 3.94 7.00
CA TYR B 74 -6.01 5.23 7.67
C TYR B 74 -7.24 5.58 8.52
N VAL B 75 -8.43 5.44 7.94
CA VAL B 75 -9.65 5.76 8.68
C VAL B 75 -9.80 4.87 9.89
N GLN B 76 -9.25 3.66 9.81
CA GLN B 76 -9.29 2.71 10.92
C GLN B 76 -8.33 3.16 12.03
N LYS B 77 -7.08 3.42 11.66
CA LYS B 77 -6.05 3.86 12.60
C LYS B 77 -6.29 5.28 13.13
N ASN B 78 -6.94 6.13 12.33
CA ASN B 78 -7.26 7.53 12.70
C ASN B 78 -8.52 7.60 13.55
N ARG B 79 -9.28 6.51 13.55
CA ARG B 79 -10.55 6.38 14.28
C ARG B 79 -11.63 7.34 13.80
N GLY B 80 -11.63 7.60 12.50
CA GLY B 80 -12.63 8.46 11.92
C GLY B 80 -12.24 9.15 10.64
N ILE B 81 -13.24 9.74 10.02
CA ILE B 81 -13.05 10.49 8.78
C ILE B 81 -14.03 11.66 8.84
N ASP B 82 -13.62 12.80 8.32
CA ASP B 82 -14.50 13.97 8.34
C ASP B 82 -15.53 13.93 7.21
N SER B 83 -16.62 14.65 7.41
CA SER B 83 -17.67 14.74 6.40
C SER B 83 -17.14 15.72 5.35
N GLU B 84 -17.76 15.74 4.17
CA GLU B 84 -17.35 16.64 3.11
C GLU B 84 -17.44 18.11 3.56
N ASP B 85 -18.43 18.42 4.39
CA ASP B 85 -18.63 19.78 4.87
C ASP B 85 -17.70 20.23 5.99
N ALA B 86 -17.09 19.29 6.70
CA ALA B 86 -16.19 19.64 7.79
C ALA B 86 -14.76 19.73 7.29
N TYR B 87 -14.53 19.19 6.09
CA TYR B 87 -13.20 19.19 5.50
C TYR B 87 -13.41 19.22 3.98
N PRO B 88 -13.91 20.36 3.44
CA PRO B 88 -14.20 20.63 2.03
C PRO B 88 -13.09 20.30 1.03
N TYR B 89 -13.50 19.87 -0.15
CA TYR B 89 -12.55 19.52 -1.20
C TYR B 89 -11.96 20.77 -1.85
N VAL B 90 -10.68 20.72 -2.22
CA VAL B 90 -10.05 21.89 -2.84
C VAL B 90 -9.29 21.55 -4.12
N GLY B 91 -8.99 20.28 -4.34
CA GLY B 91 -8.30 19.89 -5.55
C GLY B 91 -6.78 19.86 -5.53
N GLN B 92 -6.19 20.24 -4.40
CA GLN B 92 -4.73 20.23 -4.29
C GLN B 92 -4.35 19.72 -2.89
N GLU B 93 -3.16 19.13 -2.79
CA GLU B 93 -2.67 18.62 -1.51
C GLU B 93 -2.31 19.79 -0.60
N GLU B 94 -2.54 19.59 0.69
CA GLU B 94 -2.22 20.56 1.73
C GLU B 94 -1.86 19.74 2.95
N SER B 95 -1.59 20.42 4.06
CA SER B 95 -1.24 19.70 5.27
C SER B 95 -2.45 18.99 5.82
N CYS B 96 -2.21 17.91 6.55
CA CYS B 96 -3.31 17.19 7.16
C CYS B 96 -3.94 18.13 8.18
N MET B 97 -5.17 18.53 7.90
CA MET B 97 -5.88 19.43 8.79
C MET B 97 -7.13 18.76 9.36
N TYR B 98 -7.06 17.45 9.53
CA TYR B 98 -8.17 16.64 10.08
C TYR B 98 -8.75 17.21 11.35
N ASN B 99 -10.08 17.17 11.45
CA ASN B 99 -10.78 17.67 12.63
C ASN B 99 -11.64 16.55 13.22
N PRO B 100 -11.30 16.10 14.42
CA PRO B 100 -12.04 15.03 15.10
C PRO B 100 -13.51 15.39 15.31
N THR B 101 -13.74 16.66 15.64
CA THR B 101 -15.09 17.17 15.90
C THR B 101 -16.09 16.94 14.78
N GLY B 102 -15.60 16.87 13.54
CA GLY B 102 -16.50 16.67 12.43
C GLY B 102 -16.50 15.27 11.85
N LYS B 103 -15.90 14.30 12.54
CA LYS B 103 -15.88 12.93 12.01
C LYS B 103 -17.32 12.46 11.79
N ALA B 104 -17.55 11.71 10.71
CA ALA B 104 -18.90 11.24 10.39
C ALA B 104 -18.99 9.76 10.02
N ALA B 105 -17.88 9.05 10.12
CA ALA B 105 -17.86 7.63 9.80
C ALA B 105 -16.58 7.01 10.32
N LYS B 106 -16.68 5.74 10.72
CA LYS B 106 -15.54 5.01 11.22
C LYS B 106 -15.30 3.82 10.29
N CYS B 107 -14.17 3.17 10.48
CA CYS B 107 -13.79 2.03 9.68
C CYS B 107 -13.11 1.00 10.57
N ARG B 108 -13.66 -0.21 10.61
CA ARG B 108 -13.07 -1.25 11.44
C ARG B 108 -12.38 -2.34 10.62
N GLY B 109 -11.81 -1.92 9.49
CA GLY B 109 -11.12 -2.85 8.62
C GLY B 109 -11.58 -2.80 7.19
N TYR B 110 -11.18 -3.80 6.42
CA TYR B 110 -11.58 -3.89 5.03
C TYR B 110 -11.44 -5.31 4.50
N ARG B 111 -12.08 -5.57 3.36
CA ARG B 111 -12.04 -6.88 2.73
C ARG B 111 -11.60 -6.72 1.31
N GLU B 112 -10.72 -7.60 0.88
CA GLU B 112 -10.24 -7.56 -0.49
C GLU B 112 -10.95 -8.65 -1.27
N ILE B 113 -11.47 -8.31 -2.45
CA ILE B 113 -12.16 -9.28 -3.29
C ILE B 113 -11.08 -10.12 -3.99
N PRO B 114 -11.23 -11.45 -3.99
CA PRO B 114 -10.21 -12.27 -4.64
C PRO B 114 -9.90 -11.67 -6.02
N GLU B 115 -8.62 -11.47 -6.27
CA GLU B 115 -8.16 -10.85 -7.51
C GLU B 115 -8.81 -11.46 -8.76
N GLY B 116 -9.14 -10.60 -9.71
CA GLY B 116 -9.72 -11.04 -10.96
C GLY B 116 -10.98 -11.89 -10.90
N ASN B 117 -11.48 -12.18 -9.70
CA ASN B 117 -12.67 -12.99 -9.57
C ASN B 117 -13.97 -12.19 -9.61
N GLU B 118 -14.49 -11.98 -10.81
CA GLU B 118 -15.73 -11.23 -10.97
C GLU B 118 -16.91 -11.82 -10.19
N LYS B 119 -17.08 -13.14 -10.24
CA LYS B 119 -18.18 -13.76 -9.52
C LYS B 119 -18.13 -13.37 -8.06
N ALA B 120 -16.93 -13.21 -7.53
CA ALA B 120 -16.76 -12.82 -6.14
C ALA B 120 -17.15 -11.35 -5.96
N LEU B 121 -16.84 -10.53 -6.96
CA LEU B 121 -17.19 -9.11 -6.90
C LEU B 121 -18.70 -8.93 -6.93
N LYS B 122 -19.37 -9.76 -7.73
CA LYS B 122 -20.82 -9.72 -7.85
C LYS B 122 -21.46 -10.03 -6.49
N ARG B 123 -20.95 -11.05 -5.80
CA ARG B 123 -21.49 -11.43 -4.50
C ARG B 123 -21.33 -10.30 -3.47
N ALA B 124 -20.15 -9.68 -3.44
CA ALA B 124 -19.90 -8.60 -2.51
C ALA B 124 -20.84 -7.44 -2.78
N VAL B 125 -20.92 -7.02 -4.04
CA VAL B 125 -21.79 -5.91 -4.40
C VAL B 125 -23.23 -6.21 -4.01
N ALA B 126 -23.61 -7.48 -4.09
CA ALA B 126 -24.97 -7.87 -3.76
C ALA B 126 -25.33 -7.80 -2.27
N ARG B 127 -24.45 -8.31 -1.43
CA ARG B 127 -24.75 -8.34 0.01
C ARG B 127 -24.11 -7.28 0.90
N VAL B 128 -23.25 -6.44 0.33
CA VAL B 128 -22.53 -5.42 1.09
C VAL B 128 -22.83 -3.96 0.73
N GLY B 129 -22.94 -3.69 -0.57
CA GLY B 129 -23.19 -2.33 -1.03
C GLY B 129 -22.13 -1.97 -2.07
N PRO B 130 -21.93 -0.67 -2.35
CA PRO B 130 -20.94 -0.24 -3.33
C PRO B 130 -19.52 -0.69 -2.97
N VAL B 131 -18.74 -1.07 -3.98
CA VAL B 131 -17.38 -1.55 -3.77
C VAL B 131 -16.36 -0.81 -4.63
N SER B 132 -15.28 -0.38 -3.98
CA SER B 132 -14.22 0.34 -4.68
C SER B 132 -13.48 -0.64 -5.60
N VAL B 133 -13.21 -0.21 -6.82
CA VAL B 133 -12.51 -1.05 -7.80
C VAL B 133 -11.50 -0.26 -8.62
N ALA B 134 -10.58 -0.97 -9.25
CA ALA B 134 -9.55 -0.34 -10.08
C ALA B 134 -9.72 -0.75 -11.53
N ILE B 135 -9.46 0.18 -12.45
CA ILE B 135 -9.60 -0.12 -13.87
C ILE B 135 -8.59 0.64 -14.69
N ASP B 136 -8.46 0.22 -15.95
CA ASP B 136 -7.60 0.88 -16.89
C ASP B 136 -8.55 1.86 -17.54
N ALA B 137 -8.32 3.15 -17.33
CA ALA B 137 -9.18 4.17 -17.92
C ALA B 137 -8.34 5.00 -18.89
N SER B 138 -7.25 4.40 -19.36
CA SER B 138 -6.34 5.06 -20.29
C SER B 138 -6.96 5.25 -21.69
N LEU B 139 -7.22 4.13 -22.38
CA LEU B 139 -7.81 4.13 -23.73
C LEU B 139 -8.65 5.36 -23.94
N THR B 140 -8.54 5.94 -25.14
CA THR B 140 -9.32 7.14 -25.45
C THR B 140 -10.83 6.84 -25.44
N SER B 141 -11.21 5.62 -25.86
CA SER B 141 -12.62 5.27 -25.88
C SER B 141 -13.23 5.45 -24.49
N PHE B 142 -12.58 4.88 -23.47
CA PHE B 142 -13.09 5.02 -22.11
C PHE B 142 -13.32 6.50 -21.80
N GLN B 143 -12.32 7.33 -22.07
CA GLN B 143 -12.44 8.75 -21.79
C GLN B 143 -13.67 9.42 -22.35
N PHE B 144 -13.97 9.17 -23.62
CA PHE B 144 -15.14 9.80 -24.23
C PHE B 144 -16.40 8.92 -24.28
N TYR B 145 -16.56 8.07 -23.27
CA TYR B 145 -17.73 7.20 -23.16
C TYR B 145 -18.97 8.09 -23.11
N SER B 146 -20.11 7.52 -23.46
CA SER B 146 -21.35 8.29 -23.42
C SER B 146 -22.57 7.42 -23.20
N LYS B 147 -22.51 6.16 -23.64
CA LYS B 147 -23.65 5.26 -23.48
C LYS B 147 -23.34 3.83 -23.84
N GLY B 148 -24.27 2.93 -23.52
CA GLY B 148 -24.10 1.51 -23.83
C GLY B 148 -23.21 0.76 -22.86
N VAL B 149 -22.96 -0.50 -23.15
CA VAL B 149 -22.09 -1.32 -22.31
C VAL B 149 -20.70 -1.24 -22.91
N TYR B 150 -19.80 -0.53 -22.20
CA TYR B 150 -18.42 -0.31 -22.65
C TYR B 150 -17.52 -1.54 -22.60
N TYR B 151 -16.82 -1.75 -23.69
CA TYR B 151 -15.89 -2.85 -23.84
C TYR B 151 -14.91 -2.41 -24.91
N ASP B 152 -13.68 -2.87 -24.78
CA ASP B 152 -12.65 -2.52 -25.75
C ASP B 152 -11.50 -3.49 -25.54
N GLU B 153 -11.37 -4.45 -26.47
CA GLU B 153 -10.33 -5.47 -26.44
C GLU B 153 -9.00 -4.97 -25.90
N SER B 154 -8.66 -3.74 -26.25
CA SER B 154 -7.42 -3.13 -25.79
C SER B 154 -7.30 -3.16 -24.26
N CYS B 155 -7.99 -2.23 -23.58
CA CYS B 155 -7.98 -2.11 -22.10
C CYS B 155 -7.11 -3.17 -21.45
N ASN B 156 -5.95 -2.75 -20.94
CA ASN B 156 -5.05 -3.70 -20.29
C ASN B 156 -5.51 -3.84 -18.85
N SER B 157 -5.77 -5.07 -18.42
CA SER B 157 -6.21 -5.33 -17.06
C SER B 157 -4.98 -5.33 -16.18
N ASP B 158 -3.81 -5.30 -16.82
CA ASP B 158 -2.56 -5.29 -16.06
C ASP B 158 -2.02 -3.89 -15.98
N ASN B 159 -2.83 -2.94 -16.46
CA ASN B 159 -2.47 -1.53 -16.42
C ASN B 159 -3.55 -0.75 -15.65
N LEU B 160 -3.82 -1.17 -14.42
CA LEU B 160 -4.81 -0.48 -13.59
C LEU B 160 -4.28 0.90 -13.26
N ASN B 161 -5.06 1.95 -13.52
CA ASN B 161 -4.59 3.30 -13.22
C ASN B 161 -5.64 4.21 -12.61
N HIS B 162 -6.88 3.74 -12.53
CA HIS B 162 -7.97 4.57 -12.02
C HIS B 162 -8.84 3.90 -10.97
N ALA B 163 -9.17 4.65 -9.91
CA ALA B 163 -10.00 4.14 -8.83
C ALA B 163 -11.40 4.62 -9.09
N VAL B 164 -12.36 3.69 -9.04
CA VAL B 164 -13.73 4.07 -9.30
C VAL B 164 -14.68 3.24 -8.43
N LEU B 165 -15.98 3.56 -8.44
CA LEU B 165 -16.93 2.85 -7.58
C LEU B 165 -17.95 1.92 -8.27
N ALA B 166 -18.02 0.68 -7.83
CA ALA B 166 -18.98 -0.27 -8.41
C ALA B 166 -20.26 -0.22 -7.59
N VAL B 167 -21.23 0.52 -8.11
CA VAL B 167 -22.51 0.73 -7.45
C VAL B 167 -23.60 -0.30 -7.81
N GLY B 168 -23.29 -1.21 -8.71
CA GLY B 168 -24.28 -2.21 -9.08
C GLY B 168 -23.94 -3.01 -10.31
N TYR B 169 -24.87 -3.87 -10.73
CA TYR B 169 -24.68 -4.69 -11.92
C TYR B 169 -26.01 -5.11 -12.52
N GLY B 170 -25.99 -5.51 -13.80
CA GLY B 170 -27.20 -5.93 -14.47
C GLY B 170 -26.97 -6.11 -15.96
N ILE B 171 -28.01 -5.84 -16.74
CA ILE B 171 -27.92 -5.97 -18.20
C ILE B 171 -28.60 -4.81 -18.94
N GLN B 172 -28.17 -4.60 -20.18
CA GLN B 172 -28.67 -3.52 -21.03
C GLN B 172 -29.45 -4.17 -22.19
N LYS B 173 -28.73 -4.55 -23.24
CA LYS B 173 -29.34 -5.23 -24.38
C LYS B 173 -28.66 -6.59 -24.48
N GLY B 174 -28.82 -7.42 -23.46
CA GLY B 174 -28.19 -8.73 -23.46
C GLY B 174 -26.73 -8.78 -23.03
N ASN B 175 -26.13 -7.63 -22.72
CA ASN B 175 -24.73 -7.61 -22.29
C ASN B 175 -24.59 -7.30 -20.79
N LYS B 176 -24.14 -8.30 -20.02
CA LYS B 176 -23.95 -8.11 -18.59
C LYS B 176 -23.06 -6.88 -18.35
N HIS B 177 -23.25 -6.21 -17.22
CA HIS B 177 -22.46 -5.01 -16.94
C HIS B 177 -22.39 -4.59 -15.46
N TRP B 178 -21.44 -3.70 -15.18
CA TRP B 178 -21.23 -3.15 -13.85
C TRP B 178 -21.61 -1.67 -13.92
N ILE B 179 -22.30 -1.18 -12.89
CA ILE B 179 -22.68 0.22 -12.86
C ILE B 179 -21.59 0.97 -12.12
N ILE B 180 -20.67 1.53 -12.90
CA ILE B 180 -19.53 2.26 -12.35
C ILE B 180 -19.77 3.76 -12.17
N LYS B 181 -19.56 4.24 -10.94
CA LYS B 181 -19.73 5.66 -10.63
C LYS B 181 -18.35 6.29 -10.73
N ASN B 182 -18.20 7.25 -11.64
CA ASN B 182 -16.93 7.92 -11.84
C ASN B 182 -16.94 9.22 -11.04
N SER B 183 -15.83 9.93 -11.03
CA SER B 183 -15.73 11.20 -10.31
C SER B 183 -15.13 12.32 -11.19
N TRP B 184 -15.67 12.50 -12.38
CA TRP B 184 -15.20 13.54 -13.30
C TRP B 184 -16.32 14.53 -13.58
N GLY B 185 -17.28 14.58 -12.67
CA GLY B 185 -18.42 15.46 -12.84
C GLY B 185 -19.56 14.77 -13.57
N GLU B 186 -20.68 15.46 -13.66
CA GLU B 186 -21.87 14.92 -14.32
C GLU B 186 -21.89 15.08 -15.85
N ASN B 187 -20.97 15.87 -16.40
CA ASN B 187 -20.92 16.08 -17.84
C ASN B 187 -20.16 14.96 -18.57
N TRP B 188 -19.43 14.14 -17.82
CA TRP B 188 -18.68 13.05 -18.43
C TRP B 188 -19.61 11.85 -18.59
N GLY B 189 -19.38 11.07 -19.65
CA GLY B 189 -20.21 9.91 -19.90
C GLY B 189 -21.69 10.12 -19.65
N ASN B 190 -22.38 9.06 -19.21
CA ASN B 190 -23.81 9.14 -18.92
C ASN B 190 -24.04 9.68 -17.50
N LYS B 191 -24.01 11.00 -17.36
CA LYS B 191 -24.24 11.68 -16.08
C LYS B 191 -23.26 11.29 -14.98
N GLY B 192 -22.00 11.10 -15.35
CA GLY B 192 -21.00 10.72 -14.38
C GLY B 192 -20.77 9.22 -14.31
N TYR B 193 -21.76 8.45 -14.76
CA TYR B 193 -21.65 7.00 -14.73
C TYR B 193 -21.25 6.38 -16.05
N ILE B 194 -21.07 5.07 -16.03
CA ILE B 194 -20.70 4.30 -17.19
C ILE B 194 -20.89 2.84 -16.84
N LEU B 195 -21.46 2.08 -17.76
CA LEU B 195 -21.69 0.66 -17.56
C LEU B 195 -20.50 -0.09 -18.13
N MET B 196 -19.89 -0.97 -17.36
CA MET B 196 -18.73 -1.70 -17.84
C MET B 196 -18.96 -3.20 -18.01
N ALA B 197 -18.52 -3.74 -19.14
CA ALA B 197 -18.69 -5.15 -19.44
C ALA B 197 -18.37 -6.04 -18.25
N ARG B 198 -19.30 -6.95 -17.95
CA ARG B 198 -19.16 -7.90 -16.84
C ARG B 198 -19.12 -9.32 -17.42
N ASN B 199 -18.39 -10.21 -16.74
CA ASN B 199 -18.24 -11.60 -17.19
C ASN B 199 -17.70 -11.68 -18.62
N LYS B 200 -16.79 -10.77 -18.95
CA LYS B 200 -16.15 -10.73 -20.27
C LYS B 200 -14.65 -10.88 -20.03
N ASN B 201 -14.28 -11.91 -19.27
CA ASN B 201 -12.88 -12.17 -18.91
C ASN B 201 -12.27 -11.00 -18.15
N ASN B 202 -13.02 -10.46 -17.20
CA ASN B 202 -12.56 -9.35 -16.38
C ASN B 202 -11.98 -8.21 -17.20
N ALA B 203 -12.83 -7.63 -18.06
CA ALA B 203 -12.45 -6.52 -18.91
C ALA B 203 -11.96 -5.33 -18.11
N CYS B 204 -10.87 -4.73 -18.60
CA CYS B 204 -10.22 -3.57 -17.98
C CYS B 204 -9.69 -3.78 -16.56
N GLY B 205 -9.61 -5.03 -16.12
CA GLY B 205 -9.10 -5.30 -14.78
C GLY B 205 -10.09 -4.96 -13.69
N ILE B 206 -11.34 -4.76 -14.09
CA ILE B 206 -12.46 -4.42 -13.21
C ILE B 206 -12.43 -5.13 -11.84
N ALA B 207 -11.92 -6.35 -11.81
CA ALA B 207 -11.86 -7.12 -10.57
C ALA B 207 -10.46 -7.40 -10.05
N ASN B 208 -9.45 -6.69 -10.57
CA ASN B 208 -8.08 -6.93 -10.12
C ASN B 208 -7.66 -6.27 -8.82
N LEU B 209 -8.42 -5.29 -8.37
CA LEU B 209 -8.08 -4.61 -7.13
C LEU B 209 -9.31 -4.01 -6.48
N ALA B 210 -10.25 -4.87 -6.09
CA ALA B 210 -11.49 -4.43 -5.47
C ALA B 210 -11.51 -4.65 -3.95
N SER B 211 -12.05 -3.67 -3.24
CA SER B 211 -12.17 -3.75 -1.79
C SER B 211 -13.29 -2.86 -1.26
N PHE B 212 -13.75 -3.17 -0.05
CA PHE B 212 -14.78 -2.39 0.62
C PHE B 212 -14.50 -2.35 2.11
N PRO B 213 -14.85 -1.24 2.78
CA PRO B 213 -14.62 -1.09 4.22
C PRO B 213 -15.70 -1.70 5.12
N LYS B 214 -15.27 -2.15 6.30
CA LYS B 214 -16.16 -2.74 7.29
C LYS B 214 -16.43 -1.74 8.40
N MET B 215 -17.70 -1.58 8.75
CA MET B 215 -18.11 -0.66 9.81
C MET B 215 -18.88 -1.44 10.88
N3 ILI C . 14.75 -7.58 -7.75
C4 ILI C . 15.89 -6.88 -8.08
C5 ILI C . 16.66 -7.15 -9.25
C6 ILI C . 16.22 -8.21 -10.08
C13 ILI C . 11.86 -4.45 -5.79
C15 ILI C . 12.90 -4.71 -8.29
C20 ILI C . 10.28 -3.00 -4.57
C22 ILI C . 9.87 -1.56 -4.21
C24 ILI C . 10.03 0.20 -2.32
C26 ILI C . 10.57 1.31 -3.25
C28 ILI C . 7.69 -1.53 -5.44
C1 ILI C . 15.06 -8.95 -9.76
C2 ILI C . 14.35 -8.59 -8.58
S7 ILI C . 16.32 -5.56 -6.94
O8 ILI C . 17.38 -4.77 -7.59
O9 ILI C . 16.63 -6.22 -5.67
N10 ILI C . 14.92 -4.66 -6.81
C11 ILI C . 14.41 -4.33 -5.44
C12 ILI C . 13.11 -5.00 -4.97
C14 ILI C . 11.77 -4.32 -7.35
C16 ILI C . 14.29 -4.14 -8.06
O17 ILI C . 13.19 -6.33 -5.14
C18 ILI C . 14.33 -2.59 -8.11
N19 ILI C . 11.41 -3.13 -5.35
O21 ILI C . 9.60 -3.98 -4.21
C23 ILI C . 10.40 -1.22 -2.80
C25 ILI C . 10.57 0.41 -0.93
N27 ILI C . 8.41 -1.59 -4.25
O29 ILI C . 8.25 -1.45 -6.52
C30 ILI C . 6.26 -1.62 -5.28
C31 ILI C . 5.38 -1.13 -4.34
C32 ILI C . 4.09 -1.57 -4.68
C33 ILI C . 4.26 -2.32 -5.86
O34 ILI C . 5.57 -2.35 -6.21
C35 ILI C . 2.77 -1.41 -4.14
C36 ILI C . 1.67 -2.03 -4.83
C37 ILI C . 1.89 -2.78 -6.01
C38 ILI C . 3.19 -2.94 -6.56
N3 ILI D . -6.44 12.32 -12.32
C4 ILI D . -6.79 11.90 -13.59
C5 ILI D . -6.56 12.65 -14.76
C6 ILI D . -5.92 13.91 -14.62
C13 ILI D . -4.95 8.34 -10.32
C15 ILI D . -4.08 9.67 -12.58
C20 ILI D . -4.27 6.41 -8.89
C22 ILI D . -3.95 4.91 -8.78
C24 ILI D . -5.23 2.69 -8.21
C26 ILI D . -4.82 1.96 -9.48
C28 ILI D . -1.57 5.21 -7.90
C1 ILI D . -5.54 14.38 -13.33
C2 ILI D . -5.81 13.55 -12.22
S7 ILI D . -7.59 10.31 -13.63
O8 ILI D . -7.89 10.04 -15.04
O9 ILI D . -8.68 10.43 -12.67
N10 ILI D . -6.48 9.19 -13.05
C11 ILI D . -6.90 8.24 -11.99
C12 ILI D . -6.50 8.62 -10.55
C14 ILI D . -3.82 8.84 -11.30
C16 ILI D . -5.12 9.16 -13.62
O17 ILI D . -6.76 9.91 -10.33
C18 ILI D . -4.76 7.79 -14.22
N19 ILI D . -4.64 6.88 -10.13
O21 ILI D . -4.17 7.11 -7.89
C23 ILI D . -5.28 4.21 -8.38
C25 ILI D . -6.60 2.17 -7.78
N27 ILI D . -2.91 4.84 -7.71
O29 ILI D . -1.17 5.62 -9.00
C30 ILI D . -0.71 5.14 -6.74
C31 ILI D . -0.63 4.27 -5.68
C32 ILI D . 0.40 4.72 -4.81
C33 ILI D . 0.90 5.89 -5.42
O34 ILI D . 0.23 6.13 -6.58
C35 ILI D . 0.99 4.27 -3.58
C36 ILI D . 2.04 5.03 -3.00
C37 ILI D . 2.53 6.20 -3.66
C38 ILI D . 1.96 6.65 -4.89
#